data_3S1D
#
_entry.id   3S1D
#
_cell.length_a   251.030
_cell.length_b   50.400
_cell.length_c   51.400
_cell.angle_alpha   90.00
_cell.angle_beta   93.87
_cell.angle_gamma   90.00
#
_symmetry.space_group_name_H-M   'C 1 2 1'
#
loop_
_entity.id
_entity.type
_entity.pdbx_description
1 polymer 'Cytokinin dehydrogenase 1'
2 non-polymer 'FLAVIN-ADENINE DINUCLEOTIDE'
3 non-polymer N-(3-methylbut-2-en-1-yl)adenosine
4 non-polymer GLYCEROL
5 non-polymer DI(HYDROXYETHYL)ETHER
6 non-polymer 2-acetamido-2-deoxy-beta-D-glucopyranose
7 water water
#
_entity_poly.entity_id   1
_entity_poly.type   'polypeptide(L)'
_entity_poly.pdbx_seq_one_letter_code
;LAAGTPALGDDRGRPWPASLAALALDGKLRTDSNATAAASTDFGNITSALPAAVLYPSSTADLVALLSAANSTPGWPYTI
AFRGRGHSLMGQAFAPGGVVVNMASLGDAAAPPRINVSADGRYVDAGGEQVWIDVLRASLARGVAPRSWTDYLYLTVGGT
LSNAGISGQAFRHGPQISNVLEMDVITGHGEMVTCSKQLNADLFDAVLGGLGQFGVITRARIAVEPAPARARWVRLVYTD
FAAFSADQERLTAPRPGGGGASFGPMSYVEGSVFVNQSLATDLANTGFFTDADVARIVALAGERNATTVYSIEATLNYDN
ATAAAAAVDQELASVLGTLSYVEGFAFQRDVAYAAFLDRVHGSEVALNKLGLWRVPHPWLNMFVPRSRIADFDRGVFKGI
LQGTDIVGPLIVYPLNKSMWDDGMSAATPSEDVFYAVSLLFSSVAPNDLARLQEQNRRILRFCDLAGIQYKTYLARHTDR
SDWVRHFGAAKWNRFVEMKNKYDPKRLLSPGQDIFN
;
_entity_poly.pdbx_strand_id   A
#
# COMPACT_ATOMS: atom_id res chain seq x y z
N PRO A 15 -9.25 7.13 -38.48
CA PRO A 15 -10.40 6.21 -38.58
C PRO A 15 -10.50 5.29 -37.36
N TRP A 16 -11.70 5.24 -36.75
CA TRP A 16 -12.01 4.46 -35.55
C TRP A 16 -12.62 3.10 -35.85
N PRO A 17 -12.23 2.02 -35.11
CA PRO A 17 -12.92 0.73 -35.29
C PRO A 17 -14.33 0.83 -34.70
N ALA A 18 -15.26 0.00 -35.21
CA ALA A 18 -16.67 -0.03 -34.82
C ALA A 18 -16.89 -0.10 -33.30
N SER A 19 -16.18 -1.02 -32.61
CA SER A 19 -16.28 -1.21 -31.15
C SER A 19 -15.82 0.02 -30.36
N LEU A 20 -14.76 0.70 -30.84
CA LEU A 20 -14.24 1.91 -30.21
C LEU A 20 -15.22 3.07 -30.40
N ALA A 21 -15.78 3.23 -31.64
CA ALA A 21 -16.77 4.25 -31.99
C ALA A 21 -18.06 4.05 -31.20
N ALA A 22 -18.43 2.77 -30.97
CA ALA A 22 -19.61 2.38 -30.19
C ALA A 22 -19.56 2.92 -28.77
N LEU A 23 -18.35 2.93 -28.15
CA LEU A 23 -18.11 3.44 -26.81
C LEU A 23 -18.45 4.93 -26.70
N ALA A 24 -18.02 5.74 -27.71
CA ALA A 24 -18.28 7.19 -27.76
C ALA A 24 -19.78 7.44 -27.93
N LEU A 25 -20.41 6.68 -28.85
CA LEU A 25 -21.84 6.71 -29.18
C LEU A 25 -22.71 6.42 -27.95
N ASP A 26 -22.28 5.47 -27.09
CA ASP A 26 -22.99 5.10 -25.87
C ASP A 26 -22.69 6.02 -24.65
N GLY A 27 -21.91 7.08 -24.88
CA GLY A 27 -21.55 8.06 -23.86
C GLY A 27 -20.60 7.55 -22.79
N LYS A 28 -19.77 6.54 -23.13
CA LYS A 28 -18.80 5.93 -22.20
C LYS A 28 -17.44 6.62 -22.30
N LEU A 29 -17.12 7.09 -23.51
CA LEU A 29 -15.87 7.80 -23.80
C LEU A 29 -16.21 9.31 -23.78
N ARG A 30 -15.97 9.95 -22.62
CA ARG A 30 -16.24 11.37 -22.35
C ARG A 30 -15.03 12.27 -22.55
N THR A 31 -15.26 13.47 -23.12
CA THR A 31 -14.21 14.46 -23.39
C THR A 31 -14.47 15.79 -22.68
N ASP A 32 -15.62 15.89 -21.96
CA ASP A 32 -16.05 17.09 -21.24
C ASP A 32 -15.10 17.51 -20.11
N SER A 33 -15.17 18.80 -19.74
CA SER A 33 -14.38 19.45 -18.69
C SER A 33 -14.49 18.77 -17.34
N ASN A 34 -15.70 18.36 -16.94
CA ASN A 34 -15.97 17.72 -15.66
C ASN A 34 -15.31 16.34 -15.54
N ALA A 35 -15.34 15.55 -16.64
CA ALA A 35 -14.75 14.22 -16.71
C ALA A 35 -13.22 14.28 -16.68
N THR A 36 -12.60 15.11 -17.55
CA THR A 36 -11.16 15.27 -17.66
C THR A 36 -10.52 15.85 -16.38
N ALA A 37 -11.22 16.76 -15.68
CA ALA A 37 -10.73 17.41 -14.46
C ALA A 37 -10.65 16.44 -13.28
N ALA A 38 -11.63 15.53 -13.16
CA ALA A 38 -11.67 14.54 -12.08
C ALA A 38 -10.54 13.50 -12.21
N ALA A 39 -10.13 13.21 -13.45
CA ALA A 39 -9.07 12.25 -13.78
C ALA A 39 -7.67 12.87 -13.94
N SER A 40 -7.53 14.16 -13.55
CA SER A 40 -6.29 14.94 -13.68
C SER A 40 -5.56 15.21 -12.36
N THR A 41 -6.21 14.91 -11.22
CA THR A 41 -5.65 15.09 -9.87
C THR A 41 -5.60 13.75 -9.09
N ASP A 42 -4.76 13.68 -8.04
CA ASP A 42 -4.68 12.45 -7.23
C ASP A 42 -4.53 12.78 -5.74
N PHE A 43 -4.41 11.75 -4.87
CA PHE A 43 -4.27 11.95 -3.44
C PHE A 43 -3.04 12.80 -3.07
N GLY A 44 -1.96 12.65 -3.83
CA GLY A 44 -0.74 13.42 -3.62
C GLY A 44 -1.02 14.91 -3.57
N ASN A 45 -1.86 15.41 -4.52
CA ASN A 45 -2.25 16.83 -4.59
C ASN A 45 -0.99 17.71 -4.81
N ILE A 46 -0.01 17.18 -5.57
CA ILE A 46 1.24 17.86 -5.87
C ILE A 46 1.38 18.05 -7.37
N THR A 47 1.07 17.00 -8.13
CA THR A 47 1.14 17.04 -9.59
C THR A 47 -0.24 16.88 -10.21
N SER A 48 -0.40 17.36 -11.46
CA SER A 48 -1.64 17.28 -12.23
C SER A 48 -1.36 17.18 -13.73
N ALA A 49 -2.22 16.44 -14.46
CA ALA A 49 -2.13 16.25 -15.90
C ALA A 49 -3.51 15.89 -16.48
N LEU A 50 -4.07 16.78 -17.32
CA LEU A 50 -5.38 16.54 -17.92
C LEU A 50 -5.33 15.49 -19.04
N PRO A 51 -6.21 14.46 -19.03
CA PRO A 51 -6.22 13.51 -20.16
C PRO A 51 -7.06 14.08 -21.32
N ALA A 52 -6.91 13.54 -22.55
CA ALA A 52 -7.73 13.94 -23.71
C ALA A 52 -9.14 13.37 -23.59
N ALA A 53 -9.27 12.15 -23.01
CA ALA A 53 -10.54 11.44 -22.83
C ALA A 53 -10.55 10.56 -21.57
N VAL A 54 -11.76 10.28 -21.03
CA VAL A 54 -12.00 9.42 -19.87
C VAL A 54 -12.99 8.31 -20.28
N LEU A 55 -12.64 7.04 -20.04
CA LEU A 55 -13.51 5.90 -20.35
C LEU A 55 -14.20 5.40 -19.09
N TYR A 56 -15.53 5.23 -19.16
CA TYR A 56 -16.35 4.71 -18.08
C TYR A 56 -16.87 3.35 -18.59
N PRO A 57 -16.11 2.24 -18.36
CA PRO A 57 -16.56 0.94 -18.89
C PRO A 57 -17.71 0.35 -18.09
N SER A 58 -18.68 -0.29 -18.77
CA SER A 58 -19.83 -0.92 -18.11
C SER A 58 -19.52 -2.41 -17.86
N SER A 59 -18.62 -2.98 -18.68
CA SER A 59 -18.19 -4.38 -18.63
C SER A 59 -16.74 -4.47 -19.10
N THR A 60 -16.10 -5.65 -18.95
CA THR A 60 -14.71 -5.90 -19.38
C THR A 60 -14.56 -5.87 -20.90
N ALA A 61 -15.68 -6.07 -21.64
CA ALA A 61 -15.73 -6.01 -23.11
C ALA A 61 -15.36 -4.59 -23.59
N ASP A 62 -15.78 -3.55 -22.84
CA ASP A 62 -15.49 -2.15 -23.13
C ASP A 62 -13.98 -1.86 -23.06
N LEU A 63 -13.25 -2.59 -22.17
CA LEU A 63 -11.80 -2.46 -21.99
C LEU A 63 -11.06 -3.18 -23.11
N VAL A 64 -11.62 -4.31 -23.58
CA VAL A 64 -11.07 -5.08 -24.71
C VAL A 64 -11.09 -4.17 -25.96
N ALA A 65 -12.23 -3.45 -26.18
CA ALA A 65 -12.47 -2.54 -27.30
C ALA A 65 -11.41 -1.43 -27.42
N LEU A 66 -11.17 -0.69 -26.32
CA LEU A 66 -10.18 0.39 -26.25
C LEU A 66 -8.76 -0.11 -26.54
N LEU A 67 -8.34 -1.19 -25.84
CA LEU A 67 -7.02 -1.78 -25.96
C LEU A 67 -6.72 -2.46 -27.31
N SER A 68 -7.72 -3.18 -27.89
CA SER A 68 -7.55 -3.82 -29.20
C SER A 68 -7.44 -2.75 -30.30
N ALA A 69 -8.20 -1.64 -30.17
CA ALA A 69 -8.17 -0.49 -31.08
C ALA A 69 -6.78 0.14 -31.04
N ALA A 70 -6.25 0.41 -29.83
CA ALA A 70 -4.92 0.98 -29.62
C ALA A 70 -3.84 0.14 -30.29
N ASN A 71 -3.90 -1.20 -30.16
CA ASN A 71 -2.93 -2.12 -30.75
C ASN A 71 -3.07 -2.31 -32.27
N SER A 72 -4.31 -2.21 -32.80
CA SER A 72 -4.56 -2.36 -34.24
C SER A 72 -4.32 -1.05 -35.00
N THR A 73 -4.77 0.10 -34.44
CA THR A 73 -4.64 1.45 -35.04
C THR A 73 -3.17 1.89 -35.16
N PRO A 74 -2.61 1.99 -36.40
CA PRO A 74 -1.22 2.44 -36.54
C PRO A 74 -1.07 3.92 -36.20
N GLY A 75 0.01 4.26 -35.49
CA GLY A 75 0.28 5.62 -35.06
C GLY A 75 -0.66 6.14 -33.98
N TRP A 76 -1.29 5.23 -33.20
CA TRP A 76 -2.19 5.54 -32.08
C TRP A 76 -1.44 6.43 -31.07
N PRO A 77 -1.91 7.66 -30.82
CA PRO A 77 -1.14 8.58 -29.96
C PRO A 77 -1.63 8.71 -28.51
N TYR A 78 -2.59 7.89 -28.06
CA TYR A 78 -3.14 8.04 -26.72
C TYR A 78 -2.60 7.06 -25.70
N THR A 79 -2.11 7.58 -24.55
CA THR A 79 -1.63 6.72 -23.47
C THR A 79 -2.83 6.38 -22.62
N ILE A 80 -2.84 5.18 -21.98
CA ILE A 80 -3.97 4.73 -21.17
C ILE A 80 -3.55 4.43 -19.73
N ALA A 81 -4.30 4.97 -18.76
CA ALA A 81 -4.10 4.75 -17.33
C ALA A 81 -5.36 4.13 -16.76
N PHE A 82 -5.23 3.38 -15.65
CA PHE A 82 -6.37 2.74 -15.02
C PHE A 82 -6.55 3.36 -13.64
N ARG A 83 -7.49 4.29 -13.52
CA ARG A 83 -7.74 4.95 -12.24
C ARG A 83 -8.54 4.04 -11.34
N GLY A 84 -7.93 3.67 -10.22
CA GLY A 84 -8.60 2.85 -9.22
C GLY A 84 -9.40 3.77 -8.35
N ARG A 85 -8.72 4.38 -7.38
CA ARG A 85 -9.27 5.37 -6.47
C ARG A 85 -8.39 6.66 -6.53
N GLY A 86 -7.36 6.67 -7.40
CA GLY A 86 -6.45 7.81 -7.55
C GLY A 86 -5.68 8.11 -6.28
N HIS A 87 -5.38 7.07 -5.48
CA HIS A 87 -4.62 7.25 -4.24
C HIS A 87 -3.12 7.46 -4.44
N SER A 88 -2.67 7.43 -5.70
CA SER A 88 -1.30 7.70 -6.15
C SER A 88 -0.82 9.06 -5.58
N LEU A 89 0.48 9.16 -5.32
CA LEU A 89 1.11 10.36 -4.74
C LEU A 89 1.70 11.32 -5.77
N MET A 90 2.19 10.78 -6.91
CA MET A 90 2.92 11.55 -7.94
C MET A 90 2.49 11.34 -9.38
N GLY A 91 1.18 11.29 -9.61
CA GLY A 91 0.59 11.17 -10.94
C GLY A 91 0.67 9.84 -11.66
N GLN A 92 0.90 8.73 -10.90
CA GLN A 92 1.02 7.40 -11.46
C GLN A 92 -0.24 6.91 -12.21
N ALA A 93 -1.42 7.44 -11.86
CA ALA A 93 -2.70 7.09 -12.48
C ALA A 93 -3.19 8.10 -13.59
N PHE A 94 -2.30 8.96 -14.11
CA PHE A 94 -2.69 9.93 -15.14
C PHE A 94 -2.33 9.46 -16.52
N ALA A 95 -3.03 9.99 -17.54
CA ALA A 95 -2.70 9.70 -18.92
C ALA A 95 -2.62 11.07 -19.61
N PRO A 96 -1.48 11.81 -19.46
CA PRO A 96 -1.39 13.17 -20.04
C PRO A 96 -1.71 13.21 -21.54
N GLY A 97 -2.81 13.88 -21.87
CA GLY A 97 -3.32 14.00 -23.23
C GLY A 97 -3.68 12.66 -23.85
N GLY A 98 -4.08 11.73 -22.98
CA GLY A 98 -4.46 10.37 -23.35
C GLY A 98 -5.81 9.98 -22.79
N VAL A 99 -5.99 8.67 -22.50
CA VAL A 99 -7.25 8.14 -21.98
C VAL A 99 -7.14 7.61 -20.55
N VAL A 100 -7.96 8.12 -19.63
CA VAL A 100 -7.99 7.61 -18.26
C VAL A 100 -9.20 6.68 -18.12
N VAL A 101 -8.95 5.41 -17.76
CA VAL A 101 -10.04 4.46 -17.52
C VAL A 101 -10.55 4.63 -16.09
N ASN A 102 -11.80 5.07 -15.93
CA ASN A 102 -12.46 5.19 -14.63
C ASN A 102 -12.94 3.78 -14.24
N MET A 103 -11.97 2.94 -13.78
CA MET A 103 -12.18 1.54 -13.39
C MET A 103 -13.43 1.24 -12.57
N ALA A 104 -13.79 2.15 -11.64
CA ALA A 104 -14.93 2.04 -10.72
C ALA A 104 -16.28 1.81 -11.41
N SER A 105 -16.37 2.20 -12.70
CA SER A 105 -17.58 2.04 -13.53
C SER A 105 -17.89 0.56 -13.83
N LEU A 106 -16.90 -0.36 -13.67
CA LEU A 106 -17.08 -1.81 -13.88
C LEU A 106 -18.02 -2.44 -12.86
N GLY A 107 -18.15 -1.80 -11.70
CA GLY A 107 -19.01 -2.26 -10.62
C GLY A 107 -20.24 -1.42 -10.42
N ASP A 108 -20.79 -0.86 -11.52
CA ASP A 108 -21.99 -0.02 -11.48
C ASP A 108 -23.28 -0.83 -11.38
N ALA A 109 -23.46 -1.83 -12.28
CA ALA A 109 -24.64 -2.70 -12.31
C ALA A 109 -24.62 -3.69 -11.16
N ALA A 110 -25.70 -3.69 -10.34
CA ALA A 110 -25.88 -4.57 -9.16
C ALA A 110 -25.83 -6.08 -9.47
N ALA A 111 -26.01 -6.44 -10.76
CA ALA A 111 -25.97 -7.82 -11.25
C ALA A 111 -25.15 -7.87 -12.55
N PRO A 112 -24.16 -8.79 -12.68
CA PRO A 112 -23.73 -9.81 -11.70
C PRO A 112 -22.80 -9.25 -10.62
N PRO A 113 -22.71 -9.88 -9.42
CA PRO A 113 -21.80 -9.34 -8.38
C PRO A 113 -20.35 -9.32 -8.82
N ARG A 114 -19.59 -8.32 -8.35
CA ARG A 114 -18.17 -8.20 -8.71
C ARG A 114 -17.24 -8.86 -7.69
N ILE A 115 -17.81 -9.30 -6.52
CA ILE A 115 -17.11 -9.99 -5.44
C ILE A 115 -17.86 -11.30 -5.13
N ASN A 116 -17.17 -12.44 -5.25
CA ASN A 116 -17.75 -13.76 -5.00
C ASN A 116 -16.82 -14.68 -4.19
N VAL A 117 -17.25 -15.04 -2.98
CA VAL A 117 -16.51 -15.97 -2.11
C VAL A 117 -16.74 -17.37 -2.70
N SER A 118 -15.67 -18.19 -2.83
CA SER A 118 -15.79 -19.55 -3.36
C SER A 118 -16.70 -20.43 -2.50
N ALA A 119 -17.30 -21.44 -3.16
CA ALA A 119 -18.18 -22.40 -2.49
C ALA A 119 -17.43 -23.09 -1.33
N ASP A 120 -16.15 -23.49 -1.54
CA ASP A 120 -15.32 -24.11 -0.49
C ASP A 120 -14.83 -23.13 0.60
N GLY A 121 -15.01 -21.82 0.40
CA GLY A 121 -14.60 -20.78 1.32
C GLY A 121 -13.09 -20.58 1.44
N ARG A 122 -12.31 -21.02 0.43
CA ARG A 122 -10.83 -20.95 0.39
C ARG A 122 -10.27 -19.71 -0.32
N TYR A 123 -11.11 -19.03 -1.09
CA TYR A 123 -10.70 -17.82 -1.80
C TYR A 123 -11.86 -16.87 -2.08
N VAL A 124 -11.55 -15.67 -2.56
CA VAL A 124 -12.53 -14.67 -2.95
C VAL A 124 -12.13 -14.09 -4.30
N ASP A 125 -13.09 -14.09 -5.25
CA ASP A 125 -12.89 -13.52 -6.58
C ASP A 125 -13.36 -12.06 -6.50
N ALA A 126 -12.50 -11.11 -6.90
CA ALA A 126 -12.87 -9.70 -6.84
C ALA A 126 -12.50 -8.96 -8.10
N GLY A 127 -13.38 -8.05 -8.52
CA GLY A 127 -13.09 -7.22 -9.67
C GLY A 127 -11.91 -6.32 -9.35
N GLY A 128 -11.03 -6.12 -10.33
CA GLY A 128 -9.83 -5.29 -10.21
C GLY A 128 -10.12 -3.88 -9.71
N GLU A 129 -11.28 -3.35 -10.10
CA GLU A 129 -11.76 -2.03 -9.69
C GLU A 129 -12.28 -2.01 -8.27
N GLN A 130 -12.61 -3.18 -7.69
CA GLN A 130 -13.23 -3.23 -6.36
C GLN A 130 -12.34 -2.73 -5.22
N VAL A 131 -12.96 -2.09 -4.23
CA VAL A 131 -12.25 -1.58 -3.06
C VAL A 131 -12.17 -2.61 -1.96
N TRP A 132 -11.01 -2.68 -1.29
CA TRP A 132 -10.74 -3.63 -0.22
C TRP A 132 -11.77 -3.68 0.89
N ILE A 133 -12.37 -2.52 1.26
CA ILE A 133 -13.44 -2.43 2.26
C ILE A 133 -14.69 -3.28 1.82
N ASP A 134 -15.05 -3.23 0.51
CA ASP A 134 -16.17 -4.00 -0.03
C ASP A 134 -15.83 -5.51 -0.04
N VAL A 135 -14.57 -5.85 -0.41
CA VAL A 135 -14.03 -7.23 -0.41
C VAL A 135 -14.15 -7.80 1.03
N LEU A 136 -13.82 -6.98 2.06
CA LEU A 136 -13.92 -7.36 3.46
C LEU A 136 -15.39 -7.64 3.88
N ARG A 137 -16.32 -6.73 3.49
CA ARG A 137 -17.73 -6.92 3.87
C ARG A 137 -18.34 -8.18 3.22
N ALA A 138 -18.02 -8.42 1.94
CA ALA A 138 -18.53 -9.58 1.18
C ALA A 138 -17.88 -10.88 1.67
N SER A 139 -16.65 -10.81 2.18
CA SER A 139 -15.95 -11.99 2.69
C SER A 139 -16.50 -12.40 4.03
N LEU A 140 -16.67 -11.42 4.96
CA LEU A 140 -17.20 -11.57 6.32
C LEU A 140 -18.62 -12.14 6.35
N ALA A 141 -19.41 -11.83 5.29
CA ALA A 141 -20.78 -12.33 5.09
C ALA A 141 -20.75 -13.86 4.97
N ARG A 142 -19.65 -14.43 4.41
CA ARG A 142 -19.40 -15.87 4.23
C ARG A 142 -18.43 -16.42 5.29
N GLY A 143 -18.19 -15.65 6.36
CA GLY A 143 -17.35 -16.00 7.49
C GLY A 143 -15.86 -16.15 7.26
N VAL A 144 -15.34 -15.52 6.19
CA VAL A 144 -13.93 -15.58 5.79
C VAL A 144 -13.39 -14.15 5.62
N ALA A 145 -12.09 -14.02 5.35
CA ALA A 145 -11.45 -12.71 5.13
C ALA A 145 -10.07 -12.87 4.53
N PRO A 146 -9.63 -11.96 3.62
CA PRO A 146 -8.23 -11.99 3.14
C PRO A 146 -7.29 -11.94 4.36
N ARG A 147 -6.09 -12.46 4.19
CA ARG A 147 -5.09 -12.60 5.25
C ARG A 147 -4.09 -11.45 5.33
N SER A 148 -3.92 -10.73 4.21
CA SER A 148 -2.90 -9.69 4.10
C SER A 148 -3.56 -8.40 3.63
N TRP A 149 -3.33 -7.31 4.38
CA TRP A 149 -4.02 -6.06 4.11
C TRP A 149 -3.10 -4.86 3.82
N THR A 150 -3.75 -3.71 3.65
CA THR A 150 -3.11 -2.39 3.57
C THR A 150 -3.68 -1.72 4.83
N ASP A 151 -3.04 -0.65 5.34
CA ASP A 151 -3.53 0.03 6.55
C ASP A 151 -4.87 0.72 6.34
N TYR A 152 -5.13 1.20 5.12
CA TYR A 152 -6.32 1.94 4.70
C TYR A 152 -7.06 1.09 3.66
N LEU A 153 -8.36 0.83 3.92
CA LEU A 153 -9.18 -0.06 3.08
C LEU A 153 -9.84 0.52 1.81
N TYR A 154 -9.80 1.88 1.62
CA TYR A 154 -10.46 2.53 0.47
C TYR A 154 -9.56 2.68 -0.75
N LEU A 155 -8.91 1.56 -1.10
CA LEU A 155 -7.99 1.39 -2.22
C LEU A 155 -8.53 0.23 -3.03
N THR A 156 -8.16 0.15 -4.31
CA THR A 156 -8.61 -0.93 -5.20
C THR A 156 -7.73 -2.16 -5.16
N VAL A 157 -8.31 -3.29 -5.54
CA VAL A 157 -7.62 -4.58 -5.61
C VAL A 157 -6.48 -4.48 -6.62
N GLY A 158 -6.78 -4.03 -7.83
CA GLY A 158 -5.82 -3.89 -8.92
C GLY A 158 -4.77 -2.83 -8.63
N GLY A 159 -5.17 -1.81 -7.88
CA GLY A 159 -4.27 -0.71 -7.49
C GLY A 159 -3.20 -1.19 -6.52
N THR A 160 -3.62 -1.80 -5.39
CA THR A 160 -2.64 -2.33 -4.41
C THR A 160 -1.79 -3.47 -5.01
N LEU A 161 -2.40 -4.30 -5.87
CA LEU A 161 -1.69 -5.41 -6.51
C LEU A 161 -0.65 -4.99 -7.52
N SER A 162 -0.79 -3.76 -8.10
CA SER A 162 0.20 -3.22 -9.03
C SER A 162 1.40 -2.61 -8.25
N ASN A 163 1.27 -2.45 -6.94
CA ASN A 163 2.33 -1.93 -6.08
C ASN A 163 3.00 -3.04 -5.22
N ALA A 164 2.26 -3.57 -4.25
CA ALA A 164 2.61 -4.70 -3.36
C ALA A 164 1.47 -4.97 -2.38
N GLY A 165 1.06 -3.94 -1.64
CA GLY A 165 0.03 -4.05 -0.63
C GLY A 165 0.61 -4.54 0.68
N ILE A 166 0.99 -3.60 1.58
CA ILE A 166 1.63 -3.92 2.87
C ILE A 166 0.91 -3.37 4.08
N SER A 167 0.95 -4.14 5.18
CA SER A 167 0.44 -3.80 6.50
C SER A 167 1.12 -4.73 7.51
N GLY A 168 0.66 -4.69 8.75
CA GLY A 168 1.23 -5.45 9.86
C GLY A 168 1.15 -6.97 9.73
N GLN A 169 0.41 -7.49 8.74
CA GLN A 169 0.29 -8.95 8.54
C GLN A 169 1.33 -9.48 7.55
N ALA A 170 1.95 -8.58 6.75
CA ALA A 170 2.89 -8.97 5.68
C ALA A 170 4.12 -9.78 6.17
N PHE A 171 4.59 -9.58 7.41
CA PHE A 171 5.74 -10.35 7.93
C PHE A 171 5.51 -11.88 7.86
N ARG A 172 4.28 -12.32 8.12
CA ARG A 172 3.89 -13.73 8.17
C ARG A 172 3.15 -14.26 6.93
N HIS A 173 2.36 -13.41 6.23
CA HIS A 173 1.64 -13.91 5.05
C HIS A 173 2.22 -13.37 3.75
N GLY A 174 3.19 -12.48 3.87
CA GLY A 174 3.74 -11.77 2.73
C GLY A 174 2.80 -10.64 2.34
N PRO A 175 3.24 -9.77 1.40
CA PRO A 175 2.35 -8.68 0.93
C PRO A 175 1.14 -9.22 0.16
N GLN A 176 0.21 -8.33 -0.22
CA GLN A 176 -0.97 -8.72 -0.99
C GLN A 176 -0.62 -9.44 -2.29
N ILE A 177 0.50 -9.09 -2.90
CA ILE A 177 0.98 -9.76 -4.13
C ILE A 177 1.33 -11.25 -3.93
N SER A 178 1.57 -11.69 -2.65
CA SER A 178 1.90 -13.08 -2.29
C SER A 178 0.63 -13.90 -1.93
N ASN A 179 -0.57 -13.27 -2.01
CA ASN A 179 -1.83 -13.88 -1.61
C ASN A 179 -2.84 -13.87 -2.78
N VAL A 180 -2.35 -14.04 -4.00
CA VAL A 180 -3.18 -14.10 -5.21
C VAL A 180 -2.96 -15.46 -5.88
N LEU A 181 -4.07 -16.18 -6.08
CA LEU A 181 -4.11 -17.51 -6.71
C LEU A 181 -4.04 -17.37 -8.23
N GLU A 182 -4.83 -16.42 -8.77
CA GLU A 182 -4.89 -16.14 -10.19
C GLU A 182 -5.55 -14.81 -10.50
N MET A 183 -5.39 -14.37 -11.75
CA MET A 183 -5.99 -13.13 -12.23
C MET A 183 -6.49 -13.22 -13.69
N ASP A 184 -7.40 -12.30 -14.04
CA ASP A 184 -7.87 -12.02 -15.39
C ASP A 184 -7.21 -10.69 -15.75
N VAL A 185 -6.39 -10.69 -16.81
CA VAL A 185 -5.66 -9.51 -17.27
C VAL A 185 -5.89 -9.20 -18.77
N ILE A 186 -6.35 -7.96 -19.08
CA ILE A 186 -6.48 -7.50 -20.47
C ILE A 186 -5.14 -6.82 -20.81
N THR A 187 -4.35 -7.46 -21.66
CA THR A 187 -3.01 -6.95 -22.04
C THR A 187 -3.10 -5.71 -22.95
N GLY A 188 -1.95 -5.10 -23.23
CA GLY A 188 -1.84 -3.94 -24.11
C GLY A 188 -2.25 -4.27 -25.55
N HIS A 189 -2.26 -5.57 -25.90
CA HIS A 189 -2.68 -6.11 -27.20
C HIS A 189 -4.21 -6.15 -27.31
N GLY A 190 -4.89 -6.10 -26.16
CA GLY A 190 -6.35 -6.14 -26.05
C GLY A 190 -6.92 -7.52 -25.83
N GLU A 191 -6.05 -8.48 -25.43
CA GLU A 191 -6.42 -9.87 -25.20
C GLU A 191 -6.73 -10.15 -23.73
N MET A 192 -7.86 -10.83 -23.47
CA MET A 192 -8.27 -11.24 -22.13
C MET A 192 -7.53 -12.55 -21.82
N VAL A 193 -6.58 -12.49 -20.87
CA VAL A 193 -5.72 -13.63 -20.50
C VAL A 193 -5.90 -13.98 -19.02
N THR A 194 -6.23 -15.26 -18.71
CA THR A 194 -6.30 -15.73 -17.32
C THR A 194 -4.88 -16.21 -16.98
N CYS A 195 -4.34 -15.79 -15.82
CA CYS A 195 -2.97 -16.17 -15.48
C CYS A 195 -2.78 -16.58 -14.03
N SER A 196 -1.78 -17.42 -13.78
CA SER A 196 -1.43 -17.99 -12.46
C SER A 196 0.01 -18.55 -12.54
N LYS A 197 0.50 -19.22 -11.48
CA LYS A 197 1.83 -19.83 -11.47
C LYS A 197 1.93 -21.00 -12.47
N GLN A 198 0.79 -21.59 -12.85
CA GLN A 198 0.72 -22.74 -13.78
C GLN A 198 0.39 -22.33 -15.23
N LEU A 199 -0.46 -21.30 -15.42
CA LEU A 199 -0.86 -20.82 -16.73
C LEU A 199 -0.52 -19.34 -16.91
N ASN A 200 0.31 -19.03 -17.92
CA ASN A 200 0.76 -17.67 -18.27
C ASN A 200 1.44 -17.01 -17.06
N ALA A 201 2.39 -17.74 -16.44
CA ALA A 201 3.15 -17.36 -15.25
C ALA A 201 4.00 -16.12 -15.48
N ASP A 202 4.53 -15.95 -16.71
CA ASP A 202 5.34 -14.80 -17.08
C ASP A 202 4.52 -13.49 -16.92
N LEU A 203 3.25 -13.48 -17.39
CA LEU A 203 2.34 -12.34 -17.24
C LEU A 203 1.95 -12.13 -15.77
N PHE A 204 1.58 -13.23 -15.06
CA PHE A 204 1.18 -13.26 -13.65
C PHE A 204 2.23 -12.57 -12.76
N ASP A 205 3.51 -12.95 -12.93
CA ASP A 205 4.64 -12.40 -12.18
C ASP A 205 4.91 -10.94 -12.53
N ALA A 206 4.85 -10.58 -13.84
CA ALA A 206 5.05 -9.20 -14.34
C ALA A 206 4.04 -8.21 -13.80
N VAL A 207 2.75 -8.57 -13.79
CA VAL A 207 1.65 -7.72 -13.33
C VAL A 207 1.68 -7.41 -11.82
N LEU A 208 2.00 -8.42 -11.00
CA LEU A 208 2.08 -8.28 -9.54
C LEU A 208 3.28 -7.41 -9.15
N GLY A 209 2.97 -6.20 -8.69
CA GLY A 209 3.97 -5.17 -8.39
C GLY A 209 4.47 -4.50 -9.67
N GLY A 210 3.75 -4.76 -10.77
CA GLY A 210 4.06 -4.30 -12.11
C GLY A 210 3.71 -2.88 -12.47
N LEU A 211 3.13 -2.11 -11.52
CA LEU A 211 2.83 -0.67 -11.65
C LEU A 211 1.98 -0.32 -12.91
N GLY A 212 1.03 -1.20 -13.25
CA GLY A 212 0.11 -1.07 -14.38
C GLY A 212 0.73 -0.97 -15.75
N GLN A 213 1.93 -1.56 -15.96
CA GLN A 213 2.68 -1.48 -17.21
C GLN A 213 2.38 -2.53 -18.29
N PHE A 214 1.78 -3.65 -17.91
CA PHE A 214 1.58 -4.80 -18.79
C PHE A 214 0.14 -5.09 -19.18
N GLY A 215 -0.78 -4.46 -18.48
CA GLY A 215 -2.19 -4.68 -18.70
C GLY A 215 -3.04 -4.34 -17.51
N VAL A 216 -4.35 -4.47 -17.69
CA VAL A 216 -5.31 -4.17 -16.65
C VAL A 216 -5.84 -5.44 -15.99
N ILE A 217 -5.86 -5.47 -14.64
CA ILE A 217 -6.39 -6.59 -13.84
C ILE A 217 -7.91 -6.40 -13.74
N THR A 218 -8.69 -7.32 -14.34
CA THR A 218 -10.15 -7.26 -14.28
C THR A 218 -10.70 -8.13 -13.17
N ARG A 219 -9.94 -9.15 -12.76
CA ARG A 219 -10.29 -10.07 -11.68
C ARG A 219 -9.03 -10.59 -10.99
N ALA A 220 -9.07 -10.68 -9.68
CA ALA A 220 -8.03 -11.27 -8.84
C ALA A 220 -8.67 -12.24 -7.85
N ARG A 221 -8.10 -13.44 -7.77
CA ARG A 221 -8.52 -14.51 -6.88
C ARG A 221 -7.60 -14.39 -5.65
N ILE A 222 -8.19 -13.99 -4.54
CA ILE A 222 -7.48 -13.66 -3.30
C ILE A 222 -7.66 -14.75 -2.25
N ALA A 223 -6.54 -15.22 -1.67
CA ALA A 223 -6.56 -16.22 -0.60
C ALA A 223 -7.29 -15.67 0.63
N VAL A 224 -8.11 -16.49 1.26
CA VAL A 224 -8.80 -16.10 2.49
C VAL A 224 -8.50 -17.12 3.59
N GLU A 225 -8.86 -16.75 4.83
CA GLU A 225 -8.74 -17.59 6.02
C GLU A 225 -10.04 -17.44 6.80
N PRO A 226 -10.40 -18.41 7.70
CA PRO A 226 -11.61 -18.22 8.52
C PRO A 226 -11.52 -16.89 9.28
N ALA A 227 -12.61 -16.12 9.24
CA ALA A 227 -12.62 -14.79 9.83
C ALA A 227 -12.64 -14.73 11.35
N PRO A 228 -11.60 -14.10 11.96
CA PRO A 228 -11.63 -13.95 13.43
C PRO A 228 -12.70 -12.94 13.79
N ALA A 229 -13.25 -13.04 15.00
CA ALA A 229 -14.30 -12.14 15.45
C ALA A 229 -13.74 -10.86 16.07
N ARG A 230 -12.66 -11.00 16.87
CA ARG A 230 -12.06 -9.89 17.61
C ARG A 230 -10.53 -9.81 17.51
N ALA A 231 -9.98 -8.64 17.86
CA ALA A 231 -8.54 -8.41 17.90
C ALA A 231 -8.17 -7.75 19.23
N ARG A 232 -7.26 -8.37 20.01
CA ARG A 232 -6.71 -7.76 21.21
C ARG A 232 -5.59 -6.92 20.63
N TRP A 233 -5.68 -5.62 20.82
CA TRP A 233 -4.85 -4.59 20.21
C TRP A 233 -3.95 -3.92 21.26
N VAL A 234 -2.62 -4.04 21.11
CA VAL A 234 -1.67 -3.52 22.10
C VAL A 234 -0.69 -2.50 21.54
N ARG A 235 -0.29 -1.56 22.41
CA ARG A 235 0.79 -0.62 22.15
C ARG A 235 1.82 -0.74 23.27
N LEU A 236 3.11 -0.89 22.91
CA LEU A 236 4.24 -1.01 23.85
C LEU A 236 5.17 0.19 23.62
N VAL A 237 5.59 0.89 24.70
CA VAL A 237 6.41 2.09 24.62
C VAL A 237 7.87 1.88 25.01
N TYR A 238 8.79 2.48 24.21
CA TYR A 238 10.24 2.40 24.35
C TYR A 238 10.84 3.79 24.19
N THR A 239 11.97 4.04 24.86
CA THR A 239 12.75 5.25 24.64
C THR A 239 14.05 4.86 23.91
N ASP A 240 14.38 3.56 23.88
CA ASP A 240 15.61 2.99 23.28
C ASP A 240 15.30 2.35 21.91
N PHE A 241 15.87 2.89 20.81
CA PHE A 241 15.64 2.32 19.46
C PHE A 241 16.13 0.87 19.38
N ALA A 242 17.29 0.57 19.98
CA ALA A 242 17.85 -0.79 19.96
C ALA A 242 16.86 -1.81 20.55
N ALA A 243 16.20 -1.47 21.69
CA ALA A 243 15.23 -2.37 22.33
C ALA A 243 13.93 -2.49 21.48
N PHE A 244 13.46 -1.38 20.91
CA PHE A 244 12.28 -1.30 20.07
C PHE A 244 12.43 -2.21 18.83
N SER A 245 13.53 -2.03 18.09
CA SER A 245 13.78 -2.80 16.86
C SER A 245 14.05 -4.30 17.13
N ALA A 246 14.82 -4.62 18.22
CA ALA A 246 15.07 -6.00 18.64
C ALA A 246 13.74 -6.70 18.95
N ASP A 247 12.78 -5.98 19.60
CA ASP A 247 11.49 -6.56 19.93
C ASP A 247 10.59 -6.78 18.73
N GLN A 248 10.59 -5.84 17.76
CA GLN A 248 9.80 -6.00 16.53
C GLN A 248 10.32 -7.23 15.76
N GLU A 249 11.66 -7.40 15.74
CA GLU A 249 12.28 -8.55 15.07
C GLU A 249 11.96 -9.88 15.79
N ARG A 250 11.94 -9.88 17.15
CA ARG A 250 11.59 -11.06 17.96
C ARG A 250 10.15 -11.50 17.67
N LEU A 251 9.23 -10.52 17.61
CA LEU A 251 7.80 -10.75 17.36
C LEU A 251 7.50 -11.27 15.93
N THR A 252 8.36 -10.91 14.96
CA THR A 252 8.15 -11.27 13.53
C THR A 252 9.09 -12.35 13.03
N ALA A 253 9.98 -12.84 13.89
CA ALA A 253 10.97 -13.86 13.50
C ALA A 253 10.33 -15.18 13.12
N PRO A 254 10.85 -15.84 12.06
CA PRO A 254 10.35 -17.20 11.74
C PRO A 254 10.81 -18.18 12.84
N ARG A 255 9.93 -19.09 13.27
CA ARG A 255 10.31 -20.04 14.32
C ARG A 255 10.70 -21.42 13.76
N PRO A 256 11.64 -22.18 14.40
CA PRO A 256 12.03 -23.49 13.85
C PRO A 256 10.96 -24.57 14.04
N ALA A 261 8.76 -20.06 7.39
CA ALA A 261 7.66 -21.02 7.31
C ALA A 261 6.62 -20.78 8.43
N SER A 262 7.00 -21.02 9.70
CA SER A 262 6.14 -20.83 10.87
C SER A 262 6.48 -19.51 11.58
N PHE A 263 5.47 -18.84 12.09
CA PHE A 263 5.62 -17.56 12.77
C PHE A 263 5.03 -17.61 14.19
N GLY A 264 5.36 -16.61 15.02
CA GLY A 264 4.91 -16.52 16.40
C GLY A 264 3.41 -16.28 16.54
N PRO A 265 2.89 -16.02 17.75
CA PRO A 265 1.44 -15.84 17.89
C PRO A 265 0.85 -14.55 17.33
N MET A 266 1.63 -13.45 17.22
CA MET A 266 1.09 -12.16 16.73
C MET A 266 0.55 -12.18 15.29
N SER A 267 -0.67 -11.61 15.13
CA SER A 267 -1.41 -11.51 13.86
C SER A 267 -0.96 -10.29 13.04
N TYR A 268 -0.52 -9.23 13.75
CA TYR A 268 -0.15 -7.96 13.15
C TYR A 268 0.93 -7.30 14.00
N VAL A 269 1.98 -6.77 13.35
CA VAL A 269 3.06 -6.04 14.02
C VAL A 269 3.44 -4.80 13.21
N GLU A 270 3.28 -3.63 13.80
CA GLU A 270 3.75 -2.37 13.20
C GLU A 270 4.47 -1.58 14.30
N GLY A 271 4.90 -0.38 13.95
CA GLY A 271 5.56 0.50 14.92
C GLY A 271 5.43 1.95 14.55
N SER A 272 5.70 2.84 15.53
CA SER A 272 5.58 4.29 15.36
C SER A 272 6.77 5.00 15.97
N VAL A 273 7.19 6.09 15.32
CA VAL A 273 8.25 6.97 15.80
C VAL A 273 7.59 8.31 16.17
N PHE A 274 7.88 8.80 17.38
CA PHE A 274 7.36 10.09 17.86
C PHE A 274 8.54 11.02 18.19
N VAL A 275 8.60 12.18 17.54
CA VAL A 275 9.68 13.14 17.81
C VAL A 275 9.27 13.94 19.06
N ASN A 276 10.23 14.21 19.95
CA ASN A 276 9.96 14.91 21.21
C ASN A 276 9.17 16.22 21.06
N GLN A 277 9.52 17.07 20.07
CA GLN A 277 8.86 18.36 19.87
C GLN A 277 7.32 18.37 19.87
N SER A 278 6.69 17.40 19.20
CA SER A 278 5.23 17.31 19.15
C SER A 278 4.73 15.99 19.77
N LEU A 279 5.47 15.46 20.77
CA LEU A 279 5.16 14.19 21.41
C LEU A 279 3.72 14.08 21.95
N ALA A 280 3.31 15.00 22.83
CA ALA A 280 1.96 14.96 23.41
C ALA A 280 0.82 15.01 22.36
N THR A 281 0.95 15.90 21.35
CA THR A 281 -0.02 16.07 20.26
C THR A 281 -0.12 14.80 19.42
N ASP A 282 1.03 14.25 18.99
CA ASP A 282 1.12 13.04 18.18
C ASP A 282 0.63 11.79 18.88
N LEU A 283 0.92 11.64 20.20
CA LEU A 283 0.40 10.51 20.97
C LEU A 283 -1.14 10.61 21.07
N ALA A 284 -1.68 11.82 21.34
CA ALA A 284 -3.13 12.02 21.42
C ALA A 284 -3.80 11.72 20.06
N ASN A 285 -3.16 12.14 18.95
CA ASN A 285 -3.66 11.93 17.59
C ASN A 285 -3.61 10.46 17.07
N THR A 286 -3.05 9.51 17.85
CA THR A 286 -3.02 8.08 17.47
C THR A 286 -4.44 7.52 17.51
N GLY A 287 -5.28 8.11 18.36
CA GLY A 287 -6.63 7.66 18.60
C GLY A 287 -6.64 6.46 19.53
N PHE A 288 -5.44 6.05 20.04
CA PHE A 288 -5.25 4.88 20.89
C PHE A 288 -5.11 5.23 22.35
N PHE A 289 -4.25 6.20 22.66
CA PHE A 289 -3.94 6.60 24.03
C PHE A 289 -4.95 7.57 24.64
N THR A 290 -5.20 7.40 25.95
CA THR A 290 -6.06 8.31 26.72
C THR A 290 -5.15 9.44 27.17
N ASP A 291 -5.71 10.56 27.67
CA ASP A 291 -4.91 11.70 28.16
C ASP A 291 -4.02 11.31 29.36
N ALA A 292 -4.50 10.35 30.20
CA ALA A 292 -3.70 9.80 31.31
C ALA A 292 -2.47 9.03 30.77
N ASP A 293 -2.65 8.24 29.67
CA ASP A 293 -1.55 7.51 29.00
C ASP A 293 -0.53 8.51 28.43
N VAL A 294 -1.03 9.56 27.74
CA VAL A 294 -0.19 10.60 27.15
C VAL A 294 0.72 11.25 28.20
N ALA A 295 0.13 11.68 29.34
CA ALA A 295 0.90 12.32 30.42
C ALA A 295 2.04 11.42 30.93
N ARG A 296 1.77 10.12 31.09
CA ARG A 296 2.74 9.13 31.59
C ARG A 296 3.91 9.00 30.61
N ILE A 297 3.62 8.93 29.29
CA ILE A 297 4.64 8.79 28.22
C ILE A 297 5.49 10.06 28.10
N VAL A 298 4.84 11.26 28.11
CA VAL A 298 5.51 12.55 28.10
C VAL A 298 6.49 12.64 29.32
N ALA A 299 6.03 12.21 30.52
CA ALA A 299 6.88 12.21 31.74
C ALA A 299 8.07 11.25 31.55
N LEU A 300 7.83 10.05 30.98
CA LEU A 300 8.84 9.03 30.70
C LEU A 300 9.95 9.61 29.81
N ALA A 301 9.56 10.27 28.69
CA ALA A 301 10.46 10.93 27.74
C ALA A 301 11.43 11.90 28.42
N GLY A 302 10.88 12.76 29.29
CA GLY A 302 11.64 13.73 30.07
C GLY A 302 12.61 13.10 31.05
N GLU A 303 12.18 11.99 31.70
CA GLU A 303 13.04 11.24 32.65
C GLU A 303 14.24 10.65 31.91
N ARG A 304 13.98 10.10 30.73
CA ARG A 304 15.04 9.47 29.94
C ARG A 304 15.83 10.48 29.09
N ASN A 305 15.38 11.75 29.03
CA ASN A 305 15.95 12.83 28.21
C ASN A 305 15.96 12.39 26.73
N ALA A 306 14.81 11.84 26.30
CA ALA A 306 14.64 11.30 24.98
C ALA A 306 14.17 12.34 23.95
N THR A 307 14.85 12.35 22.76
CA THR A 307 14.51 13.25 21.65
C THR A 307 13.49 12.52 20.73
N THR A 308 13.35 11.19 20.92
CA THR A 308 12.41 10.33 20.21
C THR A 308 11.84 9.26 21.14
N VAL A 309 10.59 8.87 20.88
CA VAL A 309 9.89 7.79 21.58
C VAL A 309 9.42 6.81 20.49
N TYR A 310 9.39 5.52 20.80
CA TYR A 310 8.94 4.51 19.85
C TYR A 310 7.83 3.69 20.45
N SER A 311 6.91 3.21 19.61
CA SER A 311 5.83 2.35 20.07
C SER A 311 5.60 1.20 19.12
N ILE A 312 5.59 -0.03 19.66
CA ILE A 312 5.21 -1.22 18.87
C ILE A 312 3.70 -1.26 18.89
N GLU A 313 3.07 -1.52 17.72
CA GLU A 313 1.60 -1.72 17.66
C GLU A 313 1.40 -3.17 17.20
N ALA A 314 0.74 -3.99 18.03
CA ALA A 314 0.55 -5.43 17.75
C ALA A 314 -0.87 -5.90 18.02
N THR A 315 -1.33 -6.94 17.29
CA THR A 315 -2.63 -7.55 17.58
C THR A 315 -2.54 -9.08 17.68
N LEU A 316 -3.52 -9.65 18.37
CA LEU A 316 -3.73 -11.09 18.54
C LEU A 316 -5.21 -11.31 18.16
N ASN A 317 -5.46 -11.91 16.97
CA ASN A 317 -6.80 -12.21 16.47
C ASN A 317 -7.37 -13.42 17.21
N TYR A 318 -8.67 -13.35 17.56
CA TYR A 318 -9.35 -14.45 18.26
C TYR A 318 -10.85 -14.51 17.94
N ASP A 319 -11.45 -15.72 18.06
CA ASP A 319 -12.87 -15.91 17.75
C ASP A 319 -13.82 -15.73 18.92
N ASN A 320 -15.15 -15.87 18.64
CA ASN A 320 -16.23 -15.70 19.61
C ASN A 320 -16.32 -16.74 20.75
N ALA A 321 -15.44 -17.77 20.76
CA ALA A 321 -15.42 -18.83 21.79
C ALA A 321 -15.48 -18.30 23.22
N THR A 322 -16.17 -19.05 24.13
CA THR A 322 -16.38 -18.68 25.54
C THR A 322 -15.08 -18.53 26.35
N ALA A 323 -14.07 -19.35 26.07
CA ALA A 323 -12.79 -19.31 26.78
C ALA A 323 -11.74 -18.43 26.11
N ALA A 324 -11.95 -18.10 24.82
CA ALA A 324 -11.04 -17.31 23.97
C ALA A 324 -10.42 -16.09 24.64
N ALA A 325 -11.24 -15.27 25.33
CA ALA A 325 -10.79 -14.06 26.04
C ALA A 325 -9.76 -14.34 27.14
N ALA A 326 -9.97 -15.41 27.92
CA ALA A 326 -9.08 -15.84 29.00
C ALA A 326 -7.79 -16.46 28.43
N ALA A 327 -7.92 -17.17 27.29
CA ALA A 327 -6.82 -17.81 26.57
C ALA A 327 -5.90 -16.73 25.94
N VAL A 328 -6.51 -15.63 25.45
CA VAL A 328 -5.85 -14.47 24.84
C VAL A 328 -5.04 -13.72 25.91
N ASP A 329 -5.62 -13.55 27.11
CA ASP A 329 -4.94 -12.90 28.23
C ASP A 329 -3.66 -13.66 28.61
N GLN A 330 -3.70 -15.01 28.58
CA GLN A 330 -2.55 -15.86 28.90
C GLN A 330 -1.53 -15.90 27.76
N GLU A 331 -2.01 -15.96 26.49
CA GLU A 331 -1.10 -15.98 25.34
C GLU A 331 -0.36 -14.63 25.25
N LEU A 332 -1.11 -13.51 25.44
CA LEU A 332 -0.56 -12.16 25.41
C LEU A 332 0.45 -11.96 26.55
N ALA A 333 0.09 -12.37 27.80
CA ALA A 333 0.98 -12.30 28.96
C ALA A 333 2.30 -13.04 28.72
N SER A 334 2.25 -14.19 28.04
CA SER A 334 3.40 -15.01 27.70
C SER A 334 4.32 -14.26 26.71
N VAL A 335 3.74 -13.74 25.61
CA VAL A 335 4.41 -12.95 24.57
C VAL A 335 5.08 -11.70 25.17
N LEU A 336 4.34 -10.94 25.96
CA LEU A 336 4.83 -9.72 26.63
C LEU A 336 6.00 -9.97 27.57
N GLY A 337 6.03 -11.15 28.18
CA GLY A 337 7.11 -11.57 29.08
C GLY A 337 8.45 -11.74 28.39
N THR A 338 8.44 -11.92 27.04
CA THR A 338 9.65 -12.08 26.22
C THR A 338 10.20 -10.71 25.76
N LEU A 339 9.45 -9.63 26.05
CA LEU A 339 9.74 -8.28 25.58
C LEU A 339 10.45 -7.37 26.57
N SER A 340 10.99 -6.25 26.06
CA SER A 340 11.82 -5.32 26.80
C SER A 340 11.31 -3.86 26.77
N TYR A 341 9.96 -3.64 26.64
CA TYR A 341 9.39 -2.29 26.67
C TYR A 341 9.56 -1.73 28.08
N VAL A 342 9.40 -0.42 28.26
CA VAL A 342 9.60 0.17 29.59
C VAL A 342 8.57 -0.43 30.55
N GLU A 343 9.03 -0.91 31.71
CA GLU A 343 8.18 -1.55 32.71
C GLU A 343 6.87 -0.76 32.91
N GLY A 344 5.74 -1.46 32.78
CA GLY A 344 4.41 -0.88 32.95
C GLY A 344 3.86 -0.07 31.78
N PHE A 345 4.60 -0.02 30.66
CA PHE A 345 4.15 0.74 29.49
C PHE A 345 3.56 -0.15 28.39
N ALA A 346 2.62 -1.03 28.78
CA ALA A 346 1.85 -1.87 27.85
C ALA A 346 0.42 -1.31 27.95
N PHE A 347 -0.20 -1.05 26.80
CA PHE A 347 -1.54 -0.42 26.72
C PHE A 347 -2.45 -1.28 25.86
N GLN A 348 -3.61 -1.72 26.40
CA GLN A 348 -4.44 -2.63 25.62
C GLN A 348 -5.82 -2.11 25.32
N ARG A 349 -6.33 -2.50 24.14
CA ARG A 349 -7.69 -2.27 23.67
C ARG A 349 -8.21 -3.60 23.10
N ASP A 350 -9.53 -3.75 23.01
CA ASP A 350 -10.14 -4.97 22.49
C ASP A 350 -11.32 -4.57 21.62
N VAL A 351 -11.21 -4.86 20.32
CA VAL A 351 -12.22 -4.46 19.34
C VAL A 351 -12.63 -5.62 18.44
N ALA A 352 -13.68 -5.39 17.64
CA ALA A 352 -14.15 -6.33 16.61
C ALA A 352 -13.12 -6.23 15.48
N TYR A 353 -12.83 -7.34 14.80
CA TYR A 353 -11.86 -7.44 13.69
C TYR A 353 -12.07 -6.40 12.57
N ALA A 354 -13.32 -6.23 12.09
CA ALA A 354 -13.60 -5.24 11.05
C ALA A 354 -13.31 -3.80 11.54
N ALA A 355 -13.60 -3.51 12.82
CA ALA A 355 -13.34 -2.19 13.43
C ALA A 355 -11.83 -1.89 13.46
N PHE A 356 -11.00 -2.92 13.73
CA PHE A 356 -9.55 -2.78 13.69
C PHE A 356 -9.12 -2.53 12.25
N LEU A 357 -9.52 -3.39 11.30
CA LEU A 357 -9.13 -3.26 9.91
C LEU A 357 -9.48 -1.91 9.25
N ASP A 358 -10.62 -1.32 9.65
CA ASP A 358 -11.08 -0.04 9.09
C ASP A 358 -10.71 1.21 9.95
N ARG A 359 -9.81 1.03 10.95
CA ARG A 359 -9.32 2.07 11.88
C ARG A 359 -8.90 3.41 11.22
N VAL A 360 -8.27 3.37 10.04
CA VAL A 360 -7.74 4.53 9.30
C VAL A 360 -8.84 5.37 8.64
N HIS A 361 -9.98 4.76 8.25
CA HIS A 361 -11.11 5.49 7.65
C HIS A 361 -11.56 6.66 8.55
N GLY A 362 -11.50 6.46 9.87
CA GLY A 362 -11.83 7.46 10.89
C GLY A 362 -10.95 8.69 10.79
N SER A 363 -9.64 8.49 10.50
CA SER A 363 -8.69 9.60 10.32
C SER A 363 -9.08 10.41 9.08
N GLU A 364 -9.44 9.73 7.95
CA GLU A 364 -9.87 10.38 6.70
C GLU A 364 -11.05 11.32 6.91
N VAL A 365 -12.11 10.81 7.58
CA VAL A 365 -13.33 11.54 7.90
C VAL A 365 -13.03 12.82 8.72
N ALA A 366 -12.26 12.67 9.84
CA ALA A 366 -11.89 13.79 10.71
C ALA A 366 -11.00 14.81 10.00
N LEU A 367 -9.96 14.34 9.27
CA LEU A 367 -9.03 15.20 8.52
C LEU A 367 -9.74 15.99 7.40
N ASN A 368 -10.64 15.33 6.63
CA ASN A 368 -11.39 15.97 5.53
C ASN A 368 -12.31 17.08 6.03
N LYS A 369 -12.95 16.86 7.20
CA LYS A 369 -13.84 17.84 7.82
C LYS A 369 -13.09 19.10 8.26
N LEU A 370 -11.81 18.93 8.66
CA LEU A 370 -10.92 20.03 9.05
C LEU A 370 -10.25 20.65 7.81
N GLY A 371 -10.46 20.02 6.65
CA GLY A 371 -9.87 20.43 5.37
C GLY A 371 -8.39 20.07 5.30
N LEU A 372 -7.99 19.02 6.03
CA LEU A 372 -6.60 18.56 6.13
C LEU A 372 -6.35 17.18 5.48
N TRP A 373 -7.28 16.73 4.60
CA TRP A 373 -7.17 15.47 3.87
C TRP A 373 -6.82 15.77 2.41
N ARG A 374 -7.55 16.73 1.78
CA ARG A 374 -7.30 17.13 0.39
C ARG A 374 -6.27 18.26 0.39
N VAL A 375 -5.03 17.89 0.77
CA VAL A 375 -3.85 18.74 0.94
C VAL A 375 -2.65 18.01 0.32
N PRO A 376 -1.50 18.69 0.03
CA PRO A 376 -0.36 17.95 -0.54
C PRO A 376 0.16 16.89 0.44
N HIS A 377 0.50 15.72 -0.10
CA HIS A 377 1.03 14.60 0.70
C HIS A 377 2.40 14.21 0.18
N PRO A 378 3.47 14.96 0.57
CA PRO A 378 4.83 14.59 0.11
C PRO A 378 5.35 13.45 1.00
N TRP A 379 4.69 12.30 0.89
CA TRP A 379 5.01 11.11 1.67
C TRP A 379 6.34 10.50 1.25
N LEU A 380 7.10 9.97 2.22
CA LEU A 380 8.34 9.25 1.93
C LEU A 380 8.15 7.79 2.36
N ASN A 381 8.16 6.86 1.40
CA ASN A 381 7.98 5.43 1.68
C ASN A 381 9.13 4.65 1.12
N MET A 382 9.75 3.82 1.98
CA MET A 382 10.90 3.05 1.53
C MET A 382 11.07 1.73 2.27
N PHE A 383 11.91 0.86 1.74
CA PHE A 383 12.26 -0.42 2.35
C PHE A 383 13.74 -0.30 2.70
N VAL A 384 14.08 -0.41 3.99
CA VAL A 384 15.45 -0.23 4.48
C VAL A 384 16.00 -1.57 5.01
N PRO A 385 17.19 -2.04 4.53
CA PRO A 385 17.73 -3.31 5.06
C PRO A 385 17.96 -3.23 6.58
N ARG A 386 17.65 -4.32 7.28
CA ARG A 386 17.76 -4.42 8.74
C ARG A 386 19.13 -3.98 9.27
N SER A 387 20.24 -4.35 8.58
CA SER A 387 21.60 -3.99 9.01
C SER A 387 21.85 -2.47 9.07
N ARG A 388 21.01 -1.66 8.40
CA ARG A 388 21.16 -0.22 8.36
C ARG A 388 20.03 0.58 9.05
N ILE A 389 19.09 -0.12 9.70
CA ILE A 389 17.96 0.56 10.34
C ILE A 389 18.38 1.49 11.50
N ALA A 390 19.37 1.05 12.30
CA ALA A 390 19.87 1.87 13.40
C ALA A 390 20.56 3.13 12.85
N ASP A 391 21.26 3.02 11.71
CA ASP A 391 21.90 4.17 11.05
C ASP A 391 20.82 5.12 10.53
N PHE A 392 19.71 4.55 10.00
CA PHE A 392 18.59 5.37 9.51
C PHE A 392 17.96 6.11 10.71
N ASP A 393 17.76 5.41 11.84
CA ASP A 393 17.21 6.04 13.04
C ASP A 393 18.07 7.25 13.50
N ARG A 394 19.40 7.07 13.59
CA ARG A 394 20.30 8.17 13.97
C ARG A 394 20.29 9.36 13.02
N GLY A 395 20.35 9.08 11.72
CA GLY A 395 20.43 10.12 10.72
C GLY A 395 19.15 10.85 10.42
N VAL A 396 18.01 10.15 10.61
CA VAL A 396 16.69 10.67 10.24
C VAL A 396 15.83 11.05 11.45
N PHE A 397 15.47 10.08 12.30
CA PHE A 397 14.58 10.30 13.46
C PHE A 397 15.20 11.20 14.55
N LYS A 398 16.48 10.94 14.87
CA LYS A 398 17.27 11.69 15.84
C LYS A 398 18.13 12.76 15.15
N GLY A 399 18.08 12.82 13.81
CA GLY A 399 18.87 13.75 13.01
C GLY A 399 18.07 14.79 12.24
N ILE A 400 17.88 14.56 10.93
CA ILE A 400 17.17 15.43 9.99
C ILE A 400 15.81 15.95 10.50
N LEU A 401 14.99 15.06 11.08
CA LEU A 401 13.64 15.42 11.52
C LEU A 401 13.55 16.25 12.79
N GLN A 402 14.62 16.28 13.61
CA GLN A 402 14.64 17.06 14.87
C GLN A 402 14.55 18.56 14.57
N GLY A 403 13.80 19.28 15.38
CA GLY A 403 13.60 20.71 15.23
C GLY A 403 12.62 21.10 14.13
N THR A 404 11.83 20.12 13.63
CA THR A 404 10.82 20.36 12.60
C THR A 404 9.44 20.08 13.17
N ASP A 405 8.40 20.76 12.65
CA ASP A 405 7.03 20.51 13.10
C ASP A 405 6.43 19.44 12.19
N ILE A 406 6.27 18.22 12.73
CA ILE A 406 5.77 17.07 11.97
C ILE A 406 4.27 16.93 12.05
N VAL A 407 3.62 16.81 10.87
CA VAL A 407 2.19 16.59 10.77
C VAL A 407 2.05 15.28 10.04
N GLY A 408 1.50 14.29 10.72
CA GLY A 408 1.29 12.96 10.15
C GLY A 408 2.07 11.88 10.87
N PRO A 409 1.65 10.62 10.74
CA PRO A 409 2.37 9.55 11.47
C PRO A 409 3.68 9.12 10.82
N LEU A 410 4.61 8.60 11.63
CA LEU A 410 5.88 8.03 11.18
C LEU A 410 5.82 6.55 11.57
N ILE A 411 5.76 5.68 10.55
CA ILE A 411 5.57 4.24 10.72
C ILE A 411 6.83 3.46 10.31
N VAL A 412 7.24 2.49 11.15
CA VAL A 412 8.45 1.69 10.95
C VAL A 412 8.17 0.27 11.43
N TYR A 413 8.40 -0.74 10.56
CA TYR A 413 8.19 -2.14 10.98
C TYR A 413 8.94 -3.12 10.09
N PRO A 414 9.39 -4.28 10.65
CA PRO A 414 10.17 -5.23 9.83
C PRO A 414 9.28 -6.15 9.00
N LEU A 415 9.88 -6.63 7.90
CA LEU A 415 9.32 -7.56 6.93
C LEU A 415 10.31 -8.70 6.67
N ASN A 416 9.76 -9.92 6.40
CA ASN A 416 10.56 -11.13 6.10
C ASN A 416 10.58 -11.35 4.58
N LYS A 417 11.79 -11.28 3.97
CA LYS A 417 12.04 -11.42 2.53
C LYS A 417 11.57 -12.79 2.00
N SER A 418 11.60 -13.83 2.86
CA SER A 418 11.17 -15.20 2.52
C SER A 418 9.70 -15.23 2.04
N MET A 419 8.88 -14.27 2.52
CA MET A 419 7.45 -14.18 2.16
C MET A 419 7.18 -13.34 0.87
N TRP A 420 8.24 -12.81 0.24
CA TRP A 420 8.18 -12.06 -1.01
C TRP A 420 8.72 -12.92 -2.12
N ASP A 421 8.07 -12.86 -3.29
CA ASP A 421 8.50 -13.62 -4.47
C ASP A 421 9.30 -12.67 -5.35
N ASP A 422 10.63 -12.86 -5.39
CA ASP A 422 11.52 -12.00 -6.16
C ASP A 422 11.38 -12.08 -7.70
N GLY A 423 10.67 -13.11 -8.17
CA GLY A 423 10.33 -13.29 -9.59
C GLY A 423 9.24 -12.32 -10.02
N MET A 424 8.46 -11.81 -9.03
CA MET A 424 7.42 -10.81 -9.28
C MET A 424 8.09 -9.45 -9.54
N SER A 425 7.35 -8.49 -10.11
CA SER A 425 7.92 -7.18 -10.43
C SER A 425 8.39 -6.34 -9.24
N ALA A 426 7.64 -6.36 -8.12
CA ALA A 426 7.98 -5.57 -6.93
C ALA A 426 9.44 -5.72 -6.47
N ALA A 427 10.11 -4.57 -6.24
CA ALA A 427 11.52 -4.49 -5.85
C ALA A 427 11.67 -4.40 -4.32
N THR A 428 12.59 -5.21 -3.75
CA THR A 428 12.86 -5.23 -2.31
C THR A 428 14.38 -5.30 -2.05
N PRO A 429 14.86 -4.87 -0.86
CA PRO A 429 16.29 -5.03 -0.53
C PRO A 429 16.74 -6.50 -0.51
N SER A 430 18.06 -6.72 -0.65
CA SER A 430 18.64 -8.07 -0.71
C SER A 430 18.63 -8.87 0.62
N GLU A 431 18.56 -8.19 1.78
CA GLU A 431 18.61 -8.80 3.10
C GLU A 431 17.36 -9.57 3.48
N ASP A 432 17.51 -10.63 4.32
CA ASP A 432 16.43 -11.50 4.83
C ASP A 432 15.36 -10.70 5.56
N VAL A 433 15.78 -9.65 6.28
CA VAL A 433 14.88 -8.75 7.02
C VAL A 433 15.07 -7.32 6.50
N PHE A 434 13.98 -6.63 6.18
CA PHE A 434 14.04 -5.21 5.82
C PHE A 434 12.82 -4.50 6.43
N TYR A 435 12.93 -3.21 6.66
CA TYR A 435 11.87 -2.43 7.27
C TYR A 435 11.09 -1.62 6.28
N ALA A 436 9.77 -1.61 6.46
CA ALA A 436 8.88 -0.68 5.76
C ALA A 436 9.05 0.63 6.59
N VAL A 437 9.42 1.72 5.93
CA VAL A 437 9.58 3.03 6.58
C VAL A 437 8.64 3.97 5.84
N SER A 438 7.56 4.39 6.52
CA SER A 438 6.55 5.28 5.92
C SER A 438 6.42 6.60 6.72
N LEU A 439 6.92 7.69 6.14
CA LEU A 439 6.91 9.04 6.76
C LEU A 439 5.78 9.78 6.03
N LEU A 440 4.61 9.79 6.68
CA LEU A 440 3.36 10.27 6.10
C LEU A 440 3.06 11.74 6.35
N PHE A 441 3.92 12.58 5.75
CA PHE A 441 3.84 14.04 5.91
C PHE A 441 2.66 14.64 5.17
N SER A 442 1.99 15.58 5.86
CA SER A 442 0.90 16.38 5.33
C SER A 442 1.41 17.84 5.31
N SER A 443 1.28 18.52 4.17
CA SER A 443 1.72 19.92 4.01
C SER A 443 0.71 20.90 4.65
N VAL A 444 1.21 21.93 5.37
CA VAL A 444 0.38 22.93 6.07
C VAL A 444 0.29 24.27 5.29
N ALA A 445 1.28 24.57 4.42
CA ALA A 445 1.33 25.80 3.62
C ALA A 445 2.26 25.59 2.40
N PRO A 446 2.22 26.42 1.32
CA PRO A 446 3.13 26.18 0.18
C PRO A 446 4.60 26.19 0.59
N ASN A 447 4.95 27.02 1.62
CA ASN A 447 6.30 27.14 2.15
C ASN A 447 6.69 25.83 2.84
N ASP A 448 5.69 25.17 3.46
CA ASP A 448 5.80 23.87 4.09
C ASP A 448 5.96 22.77 3.02
N LEU A 449 5.21 22.83 1.87
CA LEU A 449 5.37 21.83 0.79
C LEU A 449 6.78 21.78 0.22
N ALA A 450 7.33 22.94 -0.20
CA ALA A 450 8.69 23.00 -0.72
C ALA A 450 9.71 22.52 0.33
N ARG A 451 9.54 22.90 1.63
CA ARG A 451 10.43 22.49 2.71
C ARG A 451 10.39 20.95 2.88
N LEU A 452 9.18 20.37 2.78
CA LEU A 452 8.99 18.92 2.92
C LEU A 452 9.61 18.14 1.76
N GLN A 453 9.43 18.64 0.53
CA GLN A 453 10.00 18.02 -0.69
C GLN A 453 11.52 18.04 -0.64
N GLU A 454 12.12 19.16 -0.16
CA GLU A 454 13.57 19.27 0.00
C GLU A 454 14.06 18.32 1.12
N GLN A 455 13.32 18.25 2.24
CA GLN A 455 13.66 17.35 3.36
C GLN A 455 13.70 15.86 2.87
N ASN A 456 12.78 15.45 1.98
CA ASN A 456 12.76 14.08 1.42
C ASN A 456 14.01 13.86 0.55
N ARG A 457 14.40 14.88 -0.25
CA ARG A 457 15.61 14.77 -1.05
C ARG A 457 16.85 14.58 -0.17
N ARG A 458 16.88 15.31 0.95
CA ARG A 458 17.95 15.29 1.95
C ARG A 458 18.04 13.92 2.62
N ILE A 459 16.89 13.30 2.93
CA ILE A 459 16.83 11.96 3.57
C ILE A 459 17.40 10.92 2.60
N LEU A 460 16.97 11.00 1.33
CA LEU A 460 17.48 10.08 0.32
C LEU A 460 18.98 10.28 0.05
N ARG A 461 19.44 11.56 0.03
CA ARG A 461 20.86 11.88 -0.15
C ARG A 461 21.66 11.31 1.03
N PHE A 462 21.16 11.46 2.29
CA PHE A 462 21.80 10.91 3.49
C PHE A 462 21.99 9.39 3.33
N CYS A 463 20.94 8.68 2.86
CA CYS A 463 20.95 7.23 2.66
C CYS A 463 21.96 6.80 1.58
N ASP A 464 21.98 7.52 0.44
CA ASP A 464 22.92 7.25 -0.68
C ASP A 464 24.38 7.44 -0.23
N LEU A 465 24.67 8.55 0.46
CA LEU A 465 26.02 8.81 0.97
C LEU A 465 26.48 7.81 2.05
N ALA A 466 25.54 7.24 2.85
CA ALA A 466 25.84 6.25 3.90
C ALA A 466 25.92 4.83 3.33
N GLY A 467 25.64 4.68 2.04
CA GLY A 467 25.64 3.40 1.35
C GLY A 467 24.49 2.48 1.75
N ILE A 468 23.35 3.07 2.16
CA ILE A 468 22.17 2.31 2.54
C ILE A 468 21.44 1.86 1.25
N GLN A 469 21.39 0.53 1.02
CA GLN A 469 20.75 -0.06 -0.18
C GLN A 469 19.25 -0.23 -0.02
N TYR A 470 18.54 0.89 0.04
CA TYR A 470 17.07 0.93 0.20
C TYR A 470 16.37 0.73 -1.15
N LYS A 471 15.06 0.49 -1.11
CA LYS A 471 14.21 0.50 -2.30
C LYS A 471 13.08 1.46 -1.95
N THR A 472 12.66 2.32 -2.88
CA THR A 472 11.51 3.16 -2.62
C THR A 472 10.24 2.31 -2.82
N TYR A 473 9.13 2.77 -2.27
CA TYR A 473 7.83 2.14 -2.44
C TYR A 473 6.86 3.30 -2.66
N LEU A 474 5.91 3.14 -3.61
CA LEU A 474 4.89 4.14 -3.95
C LEU A 474 5.42 5.41 -4.65
N ALA A 475 6.71 5.42 -5.00
CA ALA A 475 7.37 6.54 -5.67
C ALA A 475 7.60 6.22 -7.15
N ARG A 476 7.62 7.26 -7.99
CA ARG A 476 7.94 7.11 -9.40
C ARG A 476 9.24 7.89 -9.70
N HIS A 477 10.20 7.22 -10.33
CA HIS A 477 11.50 7.82 -10.68
C HIS A 477 11.40 8.55 -12.04
N THR A 478 12.18 9.62 -12.23
CA THR A 478 12.12 10.41 -13.46
C THR A 478 13.24 10.15 -14.44
N ASP A 479 14.31 9.50 -13.99
CA ASP A 479 15.46 9.15 -14.80
C ASP A 479 15.50 7.63 -14.99
N ARG A 480 15.93 7.20 -16.18
CA ARG A 480 16.09 5.80 -16.55
C ARG A 480 17.09 5.07 -15.61
N SER A 481 18.24 5.71 -15.28
CA SER A 481 19.24 5.13 -14.40
C SER A 481 18.65 4.80 -13.02
N ASP A 482 17.69 5.60 -12.53
CA ASP A 482 17.01 5.39 -11.24
C ASP A 482 16.08 4.18 -11.25
N TRP A 483 15.29 4.00 -12.33
CA TRP A 483 14.41 2.83 -12.46
C TRP A 483 15.21 1.53 -12.59
N VAL A 484 16.36 1.57 -13.30
CA VAL A 484 17.27 0.42 -13.50
C VAL A 484 17.86 0.02 -12.13
N ARG A 485 18.24 1.01 -11.29
CA ARG A 485 18.76 0.78 -9.93
C ARG A 485 17.66 0.26 -9.01
N HIS A 486 16.41 0.75 -9.19
CA HIS A 486 15.23 0.33 -8.42
C HIS A 486 15.01 -1.18 -8.56
N PHE A 487 14.82 -1.65 -9.81
CA PHE A 487 14.59 -3.07 -10.03
C PHE A 487 15.83 -3.95 -9.86
N GLY A 488 17.01 -3.41 -10.21
CA GLY A 488 18.26 -4.14 -10.29
C GLY A 488 18.46 -4.43 -11.78
N ALA A 489 19.70 -4.34 -12.30
CA ALA A 489 19.96 -4.52 -13.75
C ALA A 489 19.40 -5.81 -14.39
N ALA A 490 19.57 -6.98 -13.74
CA ALA A 490 19.08 -8.27 -14.25
C ALA A 490 17.55 -8.29 -14.23
N LYS A 491 16.94 -7.85 -13.11
CA LYS A 491 15.49 -7.80 -12.96
C LYS A 491 14.87 -6.76 -13.94
N TRP A 492 15.61 -5.67 -14.24
CA TRP A 492 15.21 -4.65 -15.23
C TRP A 492 15.05 -5.28 -16.63
N ASN A 493 16.02 -6.14 -17.03
CA ASN A 493 16.02 -6.86 -18.32
C ASN A 493 14.76 -7.70 -18.51
N ARG A 494 14.26 -8.34 -17.43
CA ARG A 494 13.04 -9.13 -17.46
C ARG A 494 11.83 -8.23 -17.58
N PHE A 495 11.83 -7.09 -16.86
CA PHE A 495 10.76 -6.09 -16.86
C PHE A 495 10.53 -5.54 -18.29
N VAL A 496 11.62 -5.26 -19.03
CA VAL A 496 11.65 -4.76 -20.41
C VAL A 496 11.13 -5.87 -21.35
N GLU A 497 11.62 -7.12 -21.15
CA GLU A 497 11.21 -8.30 -21.94
C GLU A 497 9.69 -8.46 -21.92
N MET A 498 9.10 -8.23 -20.73
CA MET A 498 7.68 -8.32 -20.44
C MET A 498 6.87 -7.13 -20.95
N LYS A 499 7.51 -5.94 -21.03
CA LYS A 499 6.89 -4.71 -21.54
C LYS A 499 6.69 -4.90 -23.04
N ASN A 500 7.69 -5.45 -23.71
CA ASN A 500 7.66 -5.77 -25.14
C ASN A 500 6.60 -6.81 -25.50
N LYS A 501 6.38 -7.80 -24.63
CA LYS A 501 5.39 -8.84 -24.86
C LYS A 501 3.95 -8.38 -24.60
N TYR A 502 3.74 -7.55 -23.56
CA TYR A 502 2.38 -7.16 -23.18
C TYR A 502 1.91 -5.75 -23.49
N ASP A 503 2.83 -4.80 -23.69
CA ASP A 503 2.55 -3.39 -24.05
C ASP A 503 3.66 -2.90 -25.00
N PRO A 504 3.76 -3.47 -26.24
CA PRO A 504 4.83 -3.04 -27.15
C PRO A 504 4.72 -1.58 -27.61
N LYS A 505 3.51 -1.02 -27.61
CA LYS A 505 3.28 0.37 -28.02
C LYS A 505 3.59 1.37 -26.89
N ARG A 506 3.85 0.86 -25.67
CA ARG A 506 4.21 1.65 -24.47
C ARG A 506 3.19 2.72 -24.15
N LEU A 507 1.92 2.32 -24.01
CA LEU A 507 0.82 3.23 -23.75
C LEU A 507 0.28 3.14 -22.32
N LEU A 508 0.51 2.00 -21.63
CA LEU A 508 -0.04 1.78 -20.29
C LEU A 508 0.68 2.44 -19.13
N SER A 509 -0.12 3.00 -18.20
CA SER A 509 0.27 3.72 -16.99
C SER A 509 1.52 4.62 -17.22
N PRO A 510 1.39 5.65 -18.13
CA PRO A 510 2.55 6.50 -18.45
C PRO A 510 3.07 7.34 -17.29
N GLY A 511 2.21 7.56 -16.28
CA GLY A 511 2.50 8.32 -15.09
C GLY A 511 3.58 7.72 -14.19
N GLN A 512 4.03 6.47 -14.49
CA GLN A 512 5.11 5.83 -13.74
C GLN A 512 6.47 6.35 -14.23
N ASP A 513 6.50 6.96 -15.46
CA ASP A 513 7.70 7.52 -16.09
C ASP A 513 8.80 6.49 -16.29
N ILE A 514 8.41 5.23 -16.57
CA ILE A 514 9.36 4.16 -16.81
C ILE A 514 9.70 4.17 -18.29
N PHE A 515 8.67 4.03 -19.16
CA PHE A 515 8.83 3.99 -20.61
C PHE A 515 8.19 5.23 -21.27
N ASN A 516 7.74 6.19 -20.45
CA ASN A 516 7.11 7.45 -20.89
C ASN A 516 7.68 8.69 -20.17
#